data_8DWA
#
_entry.id   8DWA
#
_cell.length_a   147.136
_cell.length_b   147.136
_cell.length_c   80.108
_cell.angle_alpha   90.00
_cell.angle_beta   90.00
_cell.angle_gamma   90.00
#
_symmetry.space_group_name_H-M   'P 42 21 2'
#
loop_
_entity.id
_entity.type
_entity.pdbx_description
1 polymer 'Spike protein S1'
2 polymer 'P1D9 Heavy chain'
3 polymer 'P1D9 Light chain'
4 non-polymer 2-acetamido-2-deoxy-beta-D-glucopyranose
#
loop_
_entity_poly.entity_id
_entity_poly.type
_entity_poly.pdbx_seq_one_letter_code
_entity_poly.pdbx_strand_id
1 'polypeptide(L)'
;LCPFGEVFNATRFASVYAWNRKRISNCVADYSVLYNSASFSTFKCYGVSPTKLNDLCFTNVYADSFVIRGDEVRQIAPGQ
TGKIADYNYKLPDDFTGCVIAWNSNNLDSKVGGNYNYLYRLFRKSNLKPFERDISTEIYQAGSTPCNGVEGFNCYFPLQS
YGFQPTNGVGYQPYRVVVLSF
;
A
2 'polypeptide(L)'
;VQLVQSGAEVKKPGSSVRVSCKASGGTFGDDSITWVRQAPGQGLEWMGGIFPLIGKTHYAQRFQGRLTVTADKSTSTAYM
ELSGLRSEDTAIYYCARDTGWTLTAFDIWGQGTMVTVSSASTKGPSVFPLAPSGTAALGCLVKDYFPEPVTVSWNSGALT
SGVHTFPAVLQSSGLYSLSSVVTVPSSSLGTQTYICNVNHKPSNTKVDKKVEPK
;
H
3 'polypeptide(L)'
;DIQMTQSPSSLSASVGDTVTITCRAGQTINTFLNWYQQKPGKAPKLLIYAASTLQSGVPSRFSGSGSGTDFTLTINSLQP
EDFATYYCQQSYSNLYTFSQGTKVEIKRTVAAPSVFIFPPSDEQLKSGTASVVCLLNNFYPREAKVQWKVDNALQSGNSQ
ESVTEQDSKDSTYSLSSTLTLSKADYEKHKVYACEVTHQGLSSPVTKSFNR
;
L
#
# COMPACT_ATOMS: atom_id res chain seq x y z
N LEU A 1 -5.08 5.10 39.98
CA LEU A 1 -4.15 4.22 39.22
C LEU A 1 -4.84 3.50 38.05
N CYS A 2 -6.18 3.37 38.10
CA CYS A 2 -6.93 2.64 37.07
C CYS A 2 -6.92 3.31 35.69
N PRO A 3 -7.11 2.56 34.58
CA PRO A 3 -6.98 3.11 33.23
C PRO A 3 -8.09 4.11 32.83
N PHE A 4 -9.27 3.62 32.41
CA PHE A 4 -10.32 4.43 31.78
C PHE A 4 -9.87 5.14 30.49
N GLY A 5 -8.85 5.98 30.62
CA GLY A 5 -8.32 6.77 29.52
C GLY A 5 -8.17 5.99 28.23
N GLU A 6 -7.67 4.76 28.33
CA GLU A 6 -7.54 3.86 27.19
C GLU A 6 -8.89 3.55 26.56
N VAL A 7 -9.92 3.44 27.39
CA VAL A 7 -11.31 3.19 26.98
C VAL A 7 -11.93 4.43 26.30
N PHE A 8 -11.77 5.59 26.96
CA PHE A 8 -12.45 6.82 26.56
C PHE A 8 -11.87 7.47 25.32
N ASN A 9 -10.55 7.65 25.31
CA ASN A 9 -9.87 8.27 24.18
C ASN A 9 -9.67 7.32 22.95
N ALA A 10 -10.01 6.04 23.10
CA ALA A 10 -10.05 5.08 21.98
C ALA A 10 -10.43 5.76 20.67
N THR A 11 -9.56 5.67 19.65
CA THR A 11 -9.67 6.44 18.40
C THR A 11 -11.00 6.19 17.69
N ARG A 12 -11.41 4.92 17.65
CA ARG A 12 -12.74 4.45 17.16
C ARG A 12 -13.35 3.47 18.17
N PHE A 13 -14.67 3.47 18.27
CA PHE A 13 -15.41 2.59 19.17
C PHE A 13 -15.90 1.36 18.40
N ALA A 14 -16.32 0.35 19.17
CA ALA A 14 -16.90 -0.85 18.62
C ALA A 14 -18.23 -0.55 18.02
N SER A 15 -18.67 -1.43 17.12
CA SER A 15 -20.06 -1.53 16.73
C SER A 15 -20.72 -2.09 17.97
N VAL A 16 -21.94 -1.61 18.26
CA VAL A 16 -22.72 -2.02 19.44
C VAL A 16 -22.86 -3.53 19.61
N TYR A 17 -23.05 -4.24 18.50
CA TYR A 17 -23.33 -5.69 18.48
C TYR A 17 -22.08 -6.48 18.86
N ALA A 18 -20.90 -5.91 18.63
CA ALA A 18 -19.63 -6.48 19.08
C ALA A 18 -18.98 -5.58 20.14
N TRP A 19 -19.81 -5.05 21.03
CA TRP A 19 -19.38 -4.10 22.04
C TRP A 19 -18.12 -4.60 22.74
N ASN A 20 -17.21 -3.66 23.03
CA ASN A 20 -15.92 -3.96 23.58
C ASN A 20 -15.97 -3.83 25.09
N ARG A 21 -15.19 -4.64 25.79
CA ARG A 21 -15.11 -4.67 27.27
C ARG A 21 -13.66 -4.76 27.73
N LYS A 22 -13.22 -3.75 28.49
CA LYS A 22 -11.91 -3.70 29.12
C LYS A 22 -12.14 -3.97 30.58
N ARG A 23 -11.34 -4.91 31.12
CA ARG A 23 -11.29 -5.29 32.56
C ARG A 23 -10.48 -4.26 33.36
N ILE A 24 -10.92 -3.94 34.58
CA ILE A 24 -10.23 -3.05 35.50
C ILE A 24 -10.14 -3.71 36.88
N SER A 25 -8.91 -4.06 37.28
CA SER A 25 -8.63 -4.75 38.53
C SER A 25 -7.32 -4.25 39.12
N ASN A 26 -7.17 -4.37 40.45
CA ASN A 26 -6.04 -3.84 41.18
C ASN A 26 -5.82 -2.37 40.89
N CYS A 27 -6.56 -1.53 41.64
CA CYS A 27 -6.38 -0.08 41.70
C CYS A 27 -7.65 0.61 42.26
N VAL A 28 -7.52 1.91 42.53
CA VAL A 28 -8.65 2.80 42.76
C VAL A 28 -8.61 3.88 41.65
N ALA A 29 -9.77 4.51 41.41
CA ALA A 29 -9.94 5.50 40.36
C ALA A 29 -9.91 6.91 40.92
N ASP A 30 -9.33 7.83 40.14
CA ASP A 30 -9.30 9.25 40.45
C ASP A 30 -10.66 9.91 40.22
N TYR A 31 -11.29 9.56 39.10
CA TYR A 31 -12.46 10.25 38.49
C TYR A 31 -11.93 11.50 37.74
N SER A 32 -12.25 12.72 38.21
CA SER A 32 -12.17 13.98 37.48
C SER A 32 -12.57 14.24 36.06
N VAL A 33 -11.68 13.89 35.13
CA VAL A 33 -12.03 13.97 33.72
C VAL A 33 -13.00 12.99 33.17
N LEU A 34 -13.62 12.27 34.12
CA LEU A 34 -15.00 11.85 34.10
C LEU A 34 -15.74 12.66 35.21
N TYR A 35 -17.06 12.79 35.06
CA TYR A 35 -18.00 13.51 35.95
C TYR A 35 -17.78 15.02 35.81
N ASN A 36 -16.62 15.57 36.21
CA ASN A 36 -16.42 17.02 36.15
C ASN A 36 -16.28 17.50 34.70
N SER A 37 -15.95 16.57 33.80
CA SER A 37 -16.12 16.81 32.38
C SER A 37 -17.62 16.92 32.07
N ALA A 38 -17.97 17.97 31.32
CA ALA A 38 -19.28 18.14 30.72
C ALA A 38 -19.27 17.37 29.38
N SER A 39 -19.74 18.01 28.30
CA SER A 39 -19.81 17.42 26.96
C SER A 39 -20.30 15.96 26.93
N PHE A 40 -21.28 15.65 27.79
CA PHE A 40 -21.95 14.35 27.85
C PHE A 40 -23.46 14.56 27.73
N SER A 41 -24.07 14.01 26.67
CA SER A 41 -25.54 14.00 26.56
C SER A 41 -26.13 13.39 27.82
N THR A 42 -25.46 12.36 28.36
CA THR A 42 -25.90 11.66 29.57
C THR A 42 -24.75 11.24 30.48
N PHE A 43 -25.03 11.24 31.80
CA PHE A 43 -24.15 10.70 32.84
C PHE A 43 -25.03 10.10 33.94
N LYS A 44 -25.61 8.92 33.66
CA LYS A 44 -26.57 8.27 34.55
C LYS A 44 -25.90 7.11 35.30
N CYS A 45 -25.99 7.12 36.63
CA CYS A 45 -25.46 6.05 37.49
C CYS A 45 -26.56 5.46 38.38
N TYR A 46 -26.51 4.12 38.55
CA TYR A 46 -27.56 3.31 39.22
C TYR A 46 -26.95 2.54 40.40
N GLY A 47 -27.73 2.37 41.49
CA GLY A 47 -27.39 1.52 42.62
C GLY A 47 -26.80 2.30 43.77
N PHE A 58 -14.79 -1.68 44.40
CA PHE A 58 -15.72 -2.77 44.60
C PHE A 58 -15.09 -4.07 44.10
N THR A 59 -15.91 -5.00 43.59
CA THR A 59 -15.53 -6.36 43.26
C THR A 59 -14.49 -6.33 42.16
N ASN A 60 -14.94 -5.92 40.98
CA ASN A 60 -14.12 -5.78 39.79
C ASN A 60 -14.96 -5.02 38.79
N VAL A 61 -14.29 -4.17 38.00
CA VAL A 61 -14.96 -3.19 37.16
C VAL A 61 -14.74 -3.41 35.67
N TYR A 62 -15.80 -3.22 34.90
CA TYR A 62 -15.86 -3.50 33.44
C TYR A 62 -16.25 -2.23 32.69
N ALA A 63 -15.37 -1.82 31.77
CA ALA A 63 -15.59 -0.66 30.95
C ALA A 63 -16.07 -1.17 29.61
N ASP A 64 -17.34 -0.90 29.29
CA ASP A 64 -17.97 -1.44 28.09
C ASP A 64 -18.28 -0.31 27.11
N SER A 65 -17.52 -0.27 26.02
CA SER A 65 -17.58 0.82 25.04
C SER A 65 -18.25 0.40 23.73
N PHE A 66 -18.96 1.35 23.09
CA PHE A 66 -19.57 1.13 21.77
C PHE A 66 -20.30 2.37 21.25
N VAL A 67 -20.70 2.35 19.98
CA VAL A 67 -21.47 3.42 19.38
C VAL A 67 -22.88 3.03 18.91
N ILE A 68 -23.84 3.89 19.27
CA ILE A 68 -25.25 3.82 18.87
C ILE A 68 -25.74 5.19 18.38
N ARG A 69 -26.99 5.22 17.90
CA ARG A 69 -27.76 6.44 17.54
C ARG A 69 -28.06 7.28 18.79
N GLY A 70 -28.41 8.55 18.57
CA GLY A 70 -29.03 9.36 19.59
C GLY A 70 -30.18 8.66 20.28
N ASP A 71 -31.33 8.52 19.61
CA ASP A 71 -32.56 8.08 20.31
C ASP A 71 -32.62 6.59 20.68
N GLU A 72 -31.45 5.93 20.71
CA GLU A 72 -31.30 4.58 21.27
C GLU A 72 -30.66 4.59 22.66
N VAL A 73 -30.09 5.74 23.06
CA VAL A 73 -29.39 5.89 24.34
C VAL A 73 -30.28 5.60 25.55
N ARG A 74 -31.55 6.03 25.47
N ARG A 74 -31.56 6.02 25.50
CA ARG A 74 -32.63 5.68 26.44
CA ARG A 74 -32.58 5.68 26.52
C ARG A 74 -32.58 4.18 26.75
C ARG A 74 -32.60 4.17 26.76
N GLN A 75 -32.27 3.35 25.74
CA GLN A 75 -32.22 1.88 25.87
C GLN A 75 -31.04 1.30 26.62
N ILE A 76 -30.03 2.11 26.95
CA ILE A 76 -28.92 1.67 27.77
C ILE A 76 -29.23 2.00 29.22
N ALA A 77 -30.28 1.34 29.73
CA ALA A 77 -30.71 1.43 31.12
C ALA A 77 -31.43 0.15 31.56
N PRO A 78 -31.35 -0.20 32.85
CA PRO A 78 -31.97 -1.43 33.35
C PRO A 78 -33.47 -1.46 33.03
N GLY A 79 -33.95 -2.62 32.57
CA GLY A 79 -35.34 -2.82 32.23
C GLY A 79 -35.85 -2.13 30.97
N GLN A 80 -34.94 -1.58 30.15
CA GLN A 80 -35.34 -1.00 28.87
C GLN A 80 -35.49 -2.05 27.76
N THR A 81 -36.27 -1.72 26.72
CA THR A 81 -36.49 -2.58 25.54
C THR A 81 -36.26 -1.84 24.21
N GLY A 82 -36.24 -2.59 23.09
CA GLY A 82 -35.97 -2.08 21.76
C GLY A 82 -34.76 -2.77 21.14
N LYS A 83 -34.45 -2.48 19.88
CA LYS A 83 -33.41 -3.19 19.11
C LYS A 83 -32.12 -3.42 19.87
N ILE A 84 -31.65 -2.38 20.59
CA ILE A 84 -30.38 -2.47 21.33
C ILE A 84 -30.56 -3.31 22.58
N ALA A 85 -31.38 -2.82 23.51
CA ALA A 85 -31.60 -3.50 24.78
C ALA A 85 -31.91 -4.97 24.57
N ASP A 86 -32.59 -5.30 23.47
CA ASP A 86 -33.01 -6.66 23.19
C ASP A 86 -31.95 -7.49 22.50
N TYR A 87 -31.42 -6.97 21.38
CA TYR A 87 -30.63 -7.76 20.38
C TYR A 87 -29.15 -7.36 20.29
N ASN A 88 -28.64 -6.42 21.10
CA ASN A 88 -27.25 -5.96 20.95
C ASN A 88 -26.45 -5.81 22.25
N TYR A 89 -27.08 -5.23 23.29
CA TYR A 89 -26.44 -5.00 24.61
C TYR A 89 -27.52 -4.83 25.67
N LYS A 90 -27.72 -5.87 26.49
CA LYS A 90 -28.69 -5.86 27.58
C LYS A 90 -27.94 -5.62 28.89
N LEU A 91 -28.46 -4.71 29.71
CA LEU A 91 -28.01 -4.56 31.09
C LEU A 91 -28.99 -5.27 32.02
N PRO A 92 -28.52 -5.82 33.16
CA PRO A 92 -29.42 -6.42 34.14
C PRO A 92 -30.26 -5.36 34.87
N ASP A 93 -31.38 -5.76 35.48
CA ASP A 93 -32.09 -4.90 36.41
C ASP A 93 -31.18 -4.62 37.61
N ASP A 94 -30.57 -5.69 38.13
CA ASP A 94 -29.51 -5.67 39.16
C ASP A 94 -28.52 -4.50 39.01
N PHE A 95 -28.22 -4.14 37.76
CA PHE A 95 -27.18 -3.18 37.39
C PHE A 95 -26.88 -2.10 38.44
N THR A 96 -25.66 -2.18 39.00
CA THR A 96 -25.02 -1.08 39.71
C THR A 96 -23.87 -0.63 38.84
N GLY A 97 -23.93 0.61 38.39
CA GLY A 97 -22.96 1.09 37.42
C GLY A 97 -23.29 2.45 36.86
N CYS A 98 -22.55 2.82 35.80
CA CYS A 98 -22.71 4.10 35.13
C CYS A 98 -22.75 3.96 33.64
N VAL A 99 -23.72 4.62 33.01
CA VAL A 99 -23.73 4.79 31.57
C VAL A 99 -23.42 6.24 31.30
N ILE A 100 -22.36 6.46 30.52
CA ILE A 100 -21.88 7.76 30.12
C ILE A 100 -21.89 7.76 28.62
N ALA A 101 -22.51 8.80 28.02
CA ALA A 101 -22.60 8.90 26.56
C ALA A 101 -22.31 10.30 26.10
N TRP A 102 -21.82 10.41 24.86
CA TRP A 102 -21.58 11.72 24.23
C TRP A 102 -21.66 11.68 22.71
N ASN A 103 -22.15 12.77 22.12
CA ASN A 103 -22.26 12.94 20.67
C ASN A 103 -20.88 13.02 20.01
N SER A 104 -20.72 12.31 18.90
CA SER A 104 -19.47 12.25 18.14
C SER A 104 -19.70 12.33 16.63
N ASN A 105 -20.60 13.23 16.20
CA ASN A 105 -20.92 13.41 14.77
C ASN A 105 -19.71 13.94 14.00
N ASN A 106 -18.97 14.85 14.64
N ASN A 106 -18.96 14.85 14.64
CA ASN A 106 -17.73 15.40 14.08
CA ASN A 106 -17.71 15.39 14.08
C ASN A 106 -16.61 14.34 13.86
C ASN A 106 -16.61 14.34 13.86
N LEU A 107 -16.82 13.13 14.41
CA LEU A 107 -15.87 12.01 14.26
C LEU A 107 -16.42 10.86 13.42
N ASP A 108 -17.56 10.33 13.85
CA ASP A 108 -18.03 9.05 13.39
C ASP A 108 -19.12 9.12 12.31
N SER A 109 -19.18 10.24 11.59
CA SER A 109 -20.14 10.46 10.51
C SER A 109 -19.42 10.85 9.24
N LYS A 110 -19.84 10.24 8.12
CA LYS A 110 -19.18 10.43 6.83
C LYS A 110 -20.16 10.52 5.68
N VAL A 111 -19.82 11.37 4.71
CA VAL A 111 -20.60 11.47 3.48
C VAL A 111 -20.54 10.12 2.76
N GLY A 112 -21.72 9.51 2.64
CA GLY A 112 -21.89 8.13 2.22
C GLY A 112 -22.65 7.40 3.30
N GLY A 113 -22.09 7.41 4.52
CA GLY A 113 -22.70 6.81 5.69
C GLY A 113 -21.76 5.84 6.39
N ASN A 114 -20.79 6.39 7.11
CA ASN A 114 -19.82 5.58 7.81
C ASN A 114 -20.36 4.17 8.04
N TYR A 115 -19.80 3.22 7.28
CA TYR A 115 -20.18 1.78 7.31
C TYR A 115 -19.46 1.04 8.47
N ASN A 116 -18.75 1.75 9.35
CA ASN A 116 -17.97 1.12 10.41
C ASN A 116 -18.77 0.73 11.61
N TYR A 117 -19.97 1.29 11.71
CA TYR A 117 -20.89 1.10 12.85
C TYR A 117 -22.11 0.29 12.37
N LEU A 118 -22.27 -0.88 12.97
CA LEU A 118 -23.35 -1.80 12.68
C LEU A 118 -24.07 -2.16 13.95
N TYR A 119 -25.27 -2.69 13.78
CA TYR A 119 -26.13 -3.22 14.86
C TYR A 119 -26.84 -4.48 14.34
N ARG A 120 -27.22 -5.37 15.24
CA ARG A 120 -28.01 -6.57 14.91
C ARG A 120 -29.47 -6.12 14.76
N LEU A 121 -30.05 -6.40 13.60
CA LEU A 121 -31.38 -6.02 13.23
C LEU A 121 -32.37 -7.08 13.74
N PHE A 122 -32.15 -8.35 13.38
CA PHE A 122 -33.03 -9.47 13.73
C PHE A 122 -32.29 -10.57 14.48
N ARG A 123 -33.01 -11.29 15.34
CA ARG A 123 -32.48 -12.37 16.22
C ARG A 123 -33.61 -13.31 16.66
N LYS A 124 -33.32 -14.60 16.86
CA LYS A 124 -34.31 -15.62 17.22
C LYS A 124 -34.96 -15.34 18.56
N SER A 125 -34.16 -14.79 19.50
CA SER A 125 -34.52 -14.57 20.89
C SER A 125 -33.86 -13.29 21.35
N ASN A 126 -34.07 -12.92 22.61
CA ASN A 126 -33.43 -11.76 23.21
C ASN A 126 -32.11 -12.13 23.78
N LEU A 127 -31.28 -11.11 24.06
CA LEU A 127 -29.99 -11.29 24.67
C LEU A 127 -30.09 -11.30 26.17
N LYS A 128 -29.30 -12.17 26.81
CA LYS A 128 -29.08 -12.14 28.24
C LYS A 128 -28.28 -10.90 28.65
N PRO A 129 -28.41 -10.42 29.90
CA PRO A 129 -27.57 -9.32 30.40
C PRO A 129 -26.08 -9.61 30.16
N PHE A 130 -25.39 -8.63 29.59
CA PHE A 130 -23.96 -8.69 29.31
C PHE A 130 -23.56 -9.79 28.36
N GLU A 131 -24.51 -10.28 27.57
CA GLU A 131 -24.25 -11.22 26.50
C GLU A 131 -23.87 -10.44 25.27
N ARG A 132 -23.09 -11.08 24.39
CA ARG A 132 -22.56 -10.52 23.12
C ARG A 132 -22.64 -11.58 22.02
N ASP A 133 -23.57 -11.46 21.06
CA ASP A 133 -23.67 -12.38 19.93
C ASP A 133 -23.06 -11.77 18.69
N ILE A 134 -22.05 -12.44 18.11
CA ILE A 134 -21.36 -11.99 16.89
C ILE A 134 -21.57 -12.84 15.60
N SER A 135 -22.41 -13.88 15.66
CA SER A 135 -22.70 -14.70 14.50
C SER A 135 -23.50 -13.96 13.44
N THR A 136 -23.30 -14.35 12.18
CA THR A 136 -23.93 -13.72 11.04
C THR A 136 -24.69 -14.72 10.17
N GLU A 137 -25.10 -15.84 10.78
CA GLU A 137 -25.90 -16.83 10.08
C GLU A 137 -27.25 -16.20 9.76
N ILE A 138 -27.64 -16.27 8.48
CA ILE A 138 -28.86 -15.65 7.97
C ILE A 138 -30.08 -16.13 8.78
N TYR A 139 -31.05 -15.23 8.97
CA TYR A 139 -32.12 -15.29 10.01
C TYR A 139 -33.17 -16.36 9.68
N GLN A 140 -33.76 -16.34 8.48
CA GLN A 140 -34.86 -17.23 8.12
C GLN A 140 -36.17 -16.72 8.73
N ALA A 141 -36.78 -15.75 8.04
CA ALA A 141 -38.05 -15.13 8.46
C ALA A 141 -39.28 -15.96 8.07
N GLY A 142 -39.26 -16.54 6.86
CA GLY A 142 -40.40 -17.25 6.29
C GLY A 142 -40.57 -18.69 6.76
N SER A 143 -40.70 -19.61 5.80
CA SER A 143 -40.90 -21.03 6.06
C SER A 143 -39.73 -21.89 5.56
N THR A 144 -39.31 -21.62 4.31
CA THR A 144 -38.27 -22.37 3.62
C THR A 144 -36.93 -22.44 4.36
N PRO A 145 -36.20 -23.58 4.28
CA PRO A 145 -34.82 -23.65 4.78
C PRO A 145 -33.84 -22.86 3.90
N CYS A 146 -33.11 -21.90 4.51
CA CYS A 146 -32.26 -20.94 3.80
C CYS A 146 -30.96 -21.51 3.22
N ASN A 147 -30.36 -22.46 3.94
CA ASN A 147 -29.08 -23.06 3.59
C ASN A 147 -28.05 -22.05 3.08
N GLY A 148 -28.01 -20.86 3.72
CA GLY A 148 -26.98 -19.86 3.49
C GLY A 148 -27.26 -18.67 2.58
N VAL A 149 -28.36 -18.72 1.81
CA VAL A 149 -28.69 -17.68 0.81
C VAL A 149 -29.53 -16.54 1.46
N GLU A 150 -30.06 -15.62 0.64
CA GLU A 150 -30.98 -14.56 1.10
C GLU A 150 -31.78 -13.87 -0.02
N GLY A 151 -32.87 -13.17 0.38
CA GLY A 151 -33.71 -12.41 -0.52
C GLY A 151 -35.19 -12.52 -0.19
N PHE A 152 -35.85 -13.52 -0.78
CA PHE A 152 -37.25 -13.87 -0.50
C PHE A 152 -37.36 -14.39 0.93
N ASN A 153 -37.97 -13.59 1.81
CA ASN A 153 -37.81 -13.69 3.25
C ASN A 153 -36.30 -13.85 3.52
N CYS A 154 -35.93 -14.47 4.65
CA CYS A 154 -34.55 -14.94 4.87
C CYS A 154 -33.48 -13.84 4.65
N TYR A 155 -33.51 -12.82 5.52
CA TYR A 155 -32.66 -11.61 5.42
C TYR A 155 -31.29 -11.91 6.05
N PHE A 156 -30.39 -10.92 6.08
CA PHE A 156 -29.07 -11.05 6.68
C PHE A 156 -29.08 -10.21 7.96
N PRO A 157 -28.49 -10.67 9.09
CA PRO A 157 -28.88 -10.16 10.41
C PRO A 157 -28.32 -8.80 10.87
N LEU A 158 -27.22 -8.31 10.31
CA LEU A 158 -26.64 -7.02 10.74
C LEU A 158 -27.01 -5.91 9.78
N GLN A 159 -26.72 -4.67 10.18
CA GLN A 159 -27.07 -3.51 9.39
C GLN A 159 -26.22 -2.32 9.77
N SER A 160 -26.02 -1.41 8.81
CA SER A 160 -25.18 -0.24 8.99
C SER A 160 -26.00 0.90 9.55
N TYR A 161 -25.37 1.71 10.40
CA TYR A 161 -25.96 2.97 10.93
C TYR A 161 -25.87 4.07 9.86
N GLY A 162 -24.95 3.94 8.91
CA GLY A 162 -24.83 4.87 7.81
C GLY A 162 -24.80 6.32 8.26
N PHE A 163 -23.99 6.60 9.27
CA PHE A 163 -23.95 7.91 9.94
C PHE A 163 -23.48 9.01 8.99
N GLN A 164 -24.36 9.96 8.67
CA GLN A 164 -24.06 11.07 7.76
C GLN A 164 -24.17 12.41 8.48
N PRO A 165 -23.33 13.41 8.12
CA PRO A 165 -23.30 14.69 8.84
C PRO A 165 -24.66 15.38 8.94
N THR A 166 -25.49 15.29 7.89
CA THR A 166 -26.79 15.98 7.82
C THR A 166 -27.87 15.45 8.80
N ASN A 167 -27.73 14.17 9.19
CA ASN A 167 -28.61 13.50 10.17
C ASN A 167 -29.03 14.42 11.31
N GLY A 168 -30.28 14.27 11.77
CA GLY A 168 -30.72 14.86 13.03
C GLY A 168 -30.07 14.13 14.20
N VAL A 169 -30.04 14.75 15.39
CA VAL A 169 -29.41 14.15 16.59
C VAL A 169 -29.93 12.74 16.88
N GLY A 170 -31.23 12.53 16.66
CA GLY A 170 -31.89 11.25 16.85
C GLY A 170 -31.21 10.10 16.14
N TYR A 171 -30.51 10.41 15.04
CA TYR A 171 -29.81 9.45 14.13
C TYR A 171 -28.32 9.76 14.03
N GLN A 172 -27.73 10.39 15.06
CA GLN A 172 -26.29 10.74 15.09
C GLN A 172 -25.50 9.78 15.97
N PRO A 173 -24.17 9.61 15.72
CA PRO A 173 -23.36 8.69 16.51
C PRO A 173 -23.11 9.22 17.94
N TYR A 174 -23.49 8.42 18.95
CA TYR A 174 -23.17 8.70 20.36
C TYR A 174 -22.26 7.57 20.86
N ARG A 175 -21.07 7.93 21.31
CA ARG A 175 -20.10 7.02 21.95
C ARG A 175 -20.54 6.80 23.39
N VAL A 176 -20.77 5.53 23.75
CA VAL A 176 -21.24 5.12 25.05
C VAL A 176 -20.19 4.28 25.76
N VAL A 177 -19.88 4.71 26.98
CA VAL A 177 -19.01 3.98 27.88
C VAL A 177 -19.89 3.55 29.03
N VAL A 178 -19.79 2.28 29.39
CA VAL A 178 -20.60 1.70 30.44
C VAL A 178 -19.69 1.08 31.48
N LEU A 179 -19.46 1.84 32.56
CA LEU A 179 -18.80 1.34 33.73
C LEU A 179 -19.78 0.45 34.45
N SER A 180 -19.30 -0.71 34.90
CA SER A 180 -20.13 -1.71 35.56
C SER A 180 -19.35 -2.28 36.73
N PHE A 181 -20.00 -2.40 37.89
CA PHE A 181 -19.38 -2.84 39.15
C PHE A 181 -19.87 -4.20 39.63
N VAL B 1 -6.06 -17.35 -0.71
CA VAL B 1 -7.32 -16.53 -0.61
C VAL B 1 -7.06 -15.10 -1.16
N GLN B 2 -6.46 -15.05 -2.35
CA GLN B 2 -5.86 -13.87 -2.97
C GLN B 2 -6.86 -13.05 -3.78
N LEU B 3 -6.43 -11.87 -4.23
CA LEU B 3 -7.16 -11.04 -5.21
C LEU B 3 -6.28 -10.35 -6.29
N VAL B 4 -6.82 -10.29 -7.52
CA VAL B 4 -6.15 -9.98 -8.78
C VAL B 4 -6.82 -8.79 -9.47
N GLN B 5 -6.08 -7.70 -9.67
CA GLN B 5 -6.65 -6.50 -10.34
C GLN B 5 -6.33 -6.38 -11.83
N SER B 6 -6.95 -5.40 -12.49
CA SER B 6 -6.92 -5.26 -13.96
C SER B 6 -5.56 -4.83 -14.47
N GLY B 7 -5.32 -5.06 -15.77
CA GLY B 7 -4.12 -4.64 -16.45
C GLY B 7 -3.98 -3.13 -16.49
N ALA B 8 -2.76 -2.66 -16.78
CA ALA B 8 -2.42 -1.25 -16.76
C ALA B 8 -3.03 -0.56 -17.96
N GLU B 9 -3.33 0.72 -17.79
CA GLU B 9 -4.12 1.49 -18.72
C GLU B 9 -3.39 2.80 -19.04
N VAL B 10 -3.66 3.32 -20.25
CA VAL B 10 -3.29 4.69 -20.62
C VAL B 10 -4.55 5.44 -21.08
N LYS B 11 -4.72 6.64 -20.52
CA LYS B 11 -5.86 7.50 -20.85
C LYS B 11 -5.40 8.94 -21.01
N LYS B 12 -6.26 9.77 -21.60
CA LYS B 12 -5.95 11.17 -21.91
C LYS B 12 -6.61 12.09 -20.88
N PRO B 13 -6.05 13.28 -20.59
CA PRO B 13 -6.65 14.20 -19.62
C PRO B 13 -8.17 14.37 -19.78
N GLY B 14 -8.83 14.91 -18.76
CA GLY B 14 -10.27 14.82 -18.65
C GLY B 14 -10.59 13.33 -18.57
N SER B 15 -11.40 12.85 -19.52
CA SER B 15 -11.63 11.42 -19.68
C SER B 15 -12.06 10.76 -18.36
N SER B 16 -11.64 9.50 -18.16
CA SER B 16 -11.96 8.72 -16.97
C SER B 16 -11.49 7.28 -17.13
N VAL B 17 -10.88 6.75 -16.06
CA VAL B 17 -10.72 5.31 -15.90
C VAL B 17 -11.78 4.53 -15.05
N ARG B 18 -12.03 3.27 -15.43
CA ARG B 18 -12.63 2.21 -14.58
C ARG B 18 -11.59 1.09 -14.44
N VAL B 19 -11.31 0.65 -13.21
CA VAL B 19 -10.34 -0.41 -12.94
C VAL B 19 -10.95 -1.49 -12.06
N SER B 20 -10.78 -2.74 -12.50
CA SER B 20 -11.37 -3.92 -11.89
C SER B 20 -10.46 -4.42 -10.75
N CYS B 21 -11.05 -5.18 -9.81
CA CYS B 21 -10.34 -5.89 -8.76
C CYS B 21 -11.13 -7.12 -8.34
N LYS B 22 -10.63 -8.32 -8.68
CA LYS B 22 -11.38 -9.56 -8.54
C LYS B 22 -10.80 -10.48 -7.45
N ALA B 23 -11.63 -10.89 -6.48
CA ALA B 23 -11.22 -11.81 -5.40
C ALA B 23 -11.24 -13.30 -5.80
N SER B 24 -10.78 -14.18 -4.91
CA SER B 24 -10.82 -15.64 -5.12
C SER B 24 -11.54 -16.51 -4.05
N GLY B 25 -10.89 -16.69 -2.88
CA GLY B 25 -11.34 -17.61 -1.85
C GLY B 25 -12.42 -17.16 -0.85
N GLY B 26 -13.66 -17.00 -1.34
CA GLY B 26 -14.78 -16.52 -0.54
C GLY B 26 -14.43 -15.19 0.11
N THR B 27 -14.80 -15.02 1.38
CA THR B 27 -14.53 -13.80 2.14
C THR B 27 -15.37 -12.59 1.64
N PHE B 28 -14.69 -11.65 0.96
CA PHE B 28 -15.25 -10.52 0.21
C PHE B 28 -16.50 -9.82 0.79
N GLY B 29 -17.69 -10.37 0.52
CA GLY B 29 -18.98 -9.75 0.81
C GLY B 29 -18.97 -8.80 2.01
N ASP B 30 -18.42 -9.28 3.13
CA ASP B 30 -18.45 -8.59 4.42
C ASP B 30 -17.19 -7.73 4.72
N ASP B 31 -16.00 -8.23 4.36
CA ASP B 31 -14.74 -7.48 4.50
C ASP B 31 -14.91 -6.13 3.73
N SER B 32 -14.23 -5.08 4.18
CA SER B 32 -14.22 -3.78 3.49
C SER B 32 -13.06 -3.65 2.49
N ILE B 33 -13.37 -3.75 1.19
CA ILE B 33 -12.38 -3.67 0.11
C ILE B 33 -12.02 -2.22 -0.12
N THR B 34 -10.71 -1.93 -0.23
CA THR B 34 -10.23 -0.56 -0.15
C THR B 34 -9.20 -0.26 -1.21
N TRP B 35 -9.24 0.96 -1.73
CA TRP B 35 -8.38 1.39 -2.81
C TRP B 35 -7.39 2.40 -2.29
N VAL B 36 -6.13 2.23 -2.69
CA VAL B 36 -5.06 3.11 -2.24
C VAL B 36 -4.13 3.43 -3.40
N ARG B 37 -3.78 4.72 -3.50
CA ARG B 37 -2.99 5.27 -4.63
C ARG B 37 -1.54 5.48 -4.19
N GLN B 38 -0.61 5.12 -5.08
CA GLN B 38 0.79 5.42 -4.93
C GLN B 38 1.31 6.21 -6.12
N ALA B 39 1.57 7.50 -5.90
CA ALA B 39 2.23 8.37 -6.85
C ALA B 39 3.74 8.25 -6.65
N PRO B 40 4.56 8.30 -7.72
CA PRO B 40 6.01 8.50 -7.54
C PRO B 40 6.21 9.87 -6.88
N GLY B 41 5.27 10.79 -7.10
CA GLY B 41 5.11 12.00 -6.31
C GLY B 41 5.53 11.78 -4.86
N GLN B 42 5.06 10.68 -4.26
CA GLN B 42 5.59 10.17 -2.98
C GLN B 42 5.13 8.72 -2.68
N GLY B 43 4.14 8.55 -1.79
CA GLY B 43 3.83 7.28 -1.18
C GLY B 43 2.36 6.91 -1.29
N LEU B 44 1.76 6.59 -0.13
CA LEU B 44 0.42 6.01 -0.05
C LEU B 44 -0.66 7.04 0.27
N GLU B 45 -1.83 6.83 -0.33
CA GLU B 45 -2.98 7.67 -0.08
C GLU B 45 -4.26 6.84 -0.24
N TRP B 46 -4.93 6.59 0.89
CA TRP B 46 -6.20 5.88 0.93
C TRP B 46 -7.18 6.77 0.22
N MET B 47 -7.89 6.19 -0.75
CA MET B 47 -8.85 6.91 -1.58
C MET B 47 -10.26 6.68 -1.07
N GLY B 48 -10.62 5.41 -0.93
CA GLY B 48 -11.90 4.99 -0.39
C GLY B 48 -11.93 3.50 -0.13
N GLY B 49 -13.15 2.99 0.06
CA GLY B 49 -13.32 1.62 0.41
C GLY B 49 -14.78 1.37 0.46
N ILE B 50 -15.22 0.36 -0.29
CA ILE B 50 -16.60 -0.08 -0.28
C ILE B 50 -16.77 -1.18 0.76
N PHE B 51 -18.05 -1.46 1.04
CA PHE B 51 -18.49 -2.54 1.86
C PHE B 51 -19.50 -3.30 1.00
N PRO B 52 -19.07 -4.26 0.16
CA PRO B 52 -19.94 -4.81 -0.87
C PRO B 52 -21.28 -5.27 -0.29
N LEU B 53 -21.25 -5.89 0.89
CA LEU B 53 -22.42 -6.45 1.57
C LEU B 53 -23.55 -5.44 1.72
N ILE B 54 -23.24 -4.30 2.34
CA ILE B 54 -24.26 -3.31 2.64
C ILE B 54 -24.36 -2.34 1.46
N GLY B 55 -23.68 -2.69 0.36
CA GLY B 55 -23.88 -2.12 -0.97
C GLY B 55 -23.53 -0.66 -1.01
N LYS B 56 -22.50 -0.30 -0.25
CA LYS B 56 -22.29 1.06 0.26
C LYS B 56 -20.82 1.32 0.58
N THR B 57 -20.34 2.50 0.18
CA THR B 57 -18.92 2.84 0.22
C THR B 57 -18.70 4.28 0.59
N HIS B 58 -17.47 4.58 1.05
CA HIS B 58 -17.06 5.96 1.13
C HIS B 58 -15.56 6.16 1.16
N TYR B 59 -15.16 7.43 1.21
CA TYR B 59 -13.90 7.96 0.62
C TYR B 59 -13.23 8.93 1.59
N ALA B 60 -11.95 9.21 1.37
CA ALA B 60 -11.23 10.25 2.12
C ALA B 60 -11.60 11.60 1.52
N GLN B 61 -11.63 12.63 2.38
CA GLN B 61 -12.02 13.99 2.01
C GLN B 61 -11.53 14.35 0.62
N ARG B 62 -10.24 14.09 0.38
CA ARG B 62 -9.48 14.59 -0.80
C ARG B 62 -10.09 14.09 -2.12
N PHE B 63 -10.97 13.08 -2.12
CA PHE B 63 -11.47 12.44 -3.34
C PHE B 63 -13.00 12.35 -3.51
N GLN B 64 -13.74 13.20 -2.79
CA GLN B 64 -15.19 13.10 -2.73
C GLN B 64 -15.90 13.12 -4.09
N GLY B 65 -15.46 14.02 -4.97
CA GLY B 65 -16.07 14.23 -6.28
C GLY B 65 -15.42 13.47 -7.41
N ARG B 66 -14.10 13.32 -7.32
CA ARG B 66 -13.24 12.69 -8.37
C ARG B 66 -13.58 11.20 -8.51
N LEU B 67 -13.93 10.54 -7.40
CA LEU B 67 -13.84 9.09 -7.28
C LEU B 67 -15.19 8.39 -7.08
N THR B 68 -15.34 7.20 -7.69
CA THR B 68 -16.55 6.41 -7.57
C THR B 68 -16.22 4.91 -7.54
N VAL B 69 -16.24 4.34 -6.33
CA VAL B 69 -16.05 2.91 -6.06
C VAL B 69 -17.42 2.22 -5.97
N THR B 70 -17.52 1.04 -6.59
CA THR B 70 -18.73 0.22 -6.58
C THR B 70 -18.28 -1.22 -6.56
N ALA B 71 -19.24 -2.15 -6.59
CA ALA B 71 -18.93 -3.58 -6.52
C ALA B 71 -20.12 -4.47 -6.81
N ASP B 72 -19.95 -5.38 -7.78
CA ASP B 72 -20.93 -6.43 -8.06
C ASP B 72 -20.55 -7.71 -7.31
N LYS B 73 -21.49 -8.19 -6.49
CA LYS B 73 -21.23 -9.27 -5.53
C LYS B 73 -21.18 -10.64 -6.19
N SER B 74 -22.04 -10.83 -7.20
CA SER B 74 -22.19 -12.10 -7.89
C SER B 74 -20.94 -12.54 -8.64
N THR B 75 -20.09 -11.57 -9.02
CA THR B 75 -18.82 -11.81 -9.74
C THR B 75 -17.58 -11.58 -8.84
N SER B 76 -17.81 -11.22 -7.57
CA SER B 76 -16.81 -10.92 -6.53
C SER B 76 -15.74 -9.92 -6.96
N THR B 77 -16.19 -8.73 -7.36
CA THR B 77 -15.36 -7.74 -8.03
C THR B 77 -15.65 -6.33 -7.56
N ALA B 78 -14.60 -5.63 -7.12
CA ALA B 78 -14.66 -4.21 -6.81
C ALA B 78 -14.21 -3.44 -8.03
N TYR B 79 -15.01 -2.43 -8.41
CA TYR B 79 -14.68 -1.49 -9.50
C TYR B 79 -14.32 -0.15 -8.88
N MET B 80 -13.34 0.55 -9.44
CA MET B 80 -13.02 1.87 -8.96
C MET B 80 -12.87 2.73 -10.18
N GLU B 81 -13.74 3.75 -10.29
CA GLU B 81 -13.84 4.61 -11.46
C GLU B 81 -13.50 6.05 -11.08
N LEU B 82 -12.34 6.52 -11.56
CA LEU B 82 -11.83 7.85 -11.31
C LEU B 82 -12.10 8.70 -12.54
N SER B 83 -12.59 9.92 -12.36
CA SER B 83 -13.01 10.78 -13.47
C SER B 83 -12.33 12.14 -13.46
N GLY B 84 -12.36 12.80 -14.62
CA GLY B 84 -11.75 14.10 -14.87
C GLY B 84 -10.25 14.12 -14.69
N LEU B 85 -9.55 13.21 -15.38
CA LEU B 85 -8.14 12.85 -15.11
C LEU B 85 -7.21 14.04 -15.23
N ARG B 86 -6.36 14.24 -14.21
CA ARG B 86 -5.66 15.52 -13.95
C ARG B 86 -4.13 15.34 -13.97
N SER B 87 -3.62 14.30 -14.63
CA SER B 87 -2.17 14.06 -14.83
C SER B 87 -1.32 13.94 -13.54
N GLU B 88 -1.58 14.82 -12.56
CA GLU B 88 -1.16 14.60 -11.17
C GLU B 88 -1.68 13.22 -10.72
N ASP B 89 -2.74 12.75 -11.36
CA ASP B 89 -3.37 11.45 -11.08
C ASP B 89 -2.66 10.23 -11.68
N THR B 90 -1.55 10.44 -12.40
CA THR B 90 -0.73 9.33 -12.85
C THR B 90 -0.11 8.64 -11.64
N ALA B 91 -0.39 7.34 -11.50
CA ALA B 91 0.00 6.59 -10.31
C ALA B 91 -0.32 5.12 -10.46
N ILE B 92 0.15 4.32 -9.51
CA ILE B 92 -0.20 2.92 -9.43
C ILE B 92 -1.28 2.83 -8.35
N TYR B 93 -2.23 1.91 -8.57
CA TYR B 93 -3.50 1.79 -7.80
C TYR B 93 -3.71 0.35 -7.33
N TYR B 94 -3.70 0.17 -6.01
CA TYR B 94 -3.94 -1.12 -5.33
C TYR B 94 -5.38 -1.13 -4.82
N CYS B 95 -5.94 -2.33 -4.75
CA CYS B 95 -7.07 -2.64 -3.91
C CYS B 95 -6.47 -3.59 -2.89
N ALA B 96 -6.98 -3.53 -1.65
CA ALA B 96 -6.54 -4.36 -0.54
C ALA B 96 -7.71 -4.61 0.39
N ARG B 97 -7.58 -5.68 1.17
CA ARG B 97 -8.59 -6.20 2.12
C ARG B 97 -7.94 -6.26 3.51
N ASP B 98 -8.71 -5.98 4.56
CA ASP B 98 -8.16 -5.76 5.90
C ASP B 98 -8.25 -7.02 6.73
N THR B 99 -8.97 -6.97 7.85
CA THR B 99 -9.41 -8.20 8.49
C THR B 99 -10.59 -8.09 9.55
N GLY B 100 -11.82 -8.30 9.05
CA GLY B 100 -12.96 -8.62 9.89
C GLY B 100 -14.30 -8.29 9.29
N TRP B 101 -14.76 -7.06 9.58
CA TRP B 101 -15.97 -6.47 9.03
C TRP B 101 -15.60 -5.13 8.46
N THR B 102 -15.60 -4.13 9.34
CA THR B 102 -15.42 -2.72 9.01
C THR B 102 -14.04 -2.45 8.33
N LEU B 103 -13.41 -1.30 8.63
CA LEU B 103 -12.11 -1.02 8.04
C LEU B 103 -10.95 -0.86 9.03
N THR B 104 -10.13 -1.92 9.04
CA THR B 104 -9.04 -2.10 9.93
C THR B 104 -7.86 -2.14 8.95
N ALA B 105 -6.75 -2.78 9.33
CA ALA B 105 -5.47 -2.79 8.60
C ALA B 105 -5.47 -3.83 7.50
N PHE B 106 -4.74 -3.53 6.41
CA PHE B 106 -4.79 -4.30 5.15
C PHE B 106 -3.69 -5.30 5.00
N ASP B 107 -4.01 -6.59 5.16
CA ASP B 107 -2.99 -7.62 5.07
C ASP B 107 -2.92 -8.29 3.71
N ILE B 108 -3.84 -7.95 2.80
CA ILE B 108 -3.90 -8.60 1.50
C ILE B 108 -4.17 -7.62 0.38
N TRP B 109 -3.25 -7.59 -0.58
CA TRP B 109 -3.16 -6.57 -1.61
C TRP B 109 -3.20 -7.13 -2.99
N GLY B 110 -3.46 -6.24 -3.94
CA GLY B 110 -3.33 -6.52 -5.35
C GLY B 110 -1.89 -6.41 -5.83
N GLN B 111 -1.68 -6.73 -7.11
CA GLN B 111 -0.39 -6.66 -7.76
C GLN B 111 -0.13 -5.25 -8.26
N GLY B 112 -1.09 -4.34 -8.04
CA GLY B 112 -1.04 -2.97 -8.52
C GLY B 112 -1.60 -2.84 -9.93
N THR B 113 -2.05 -1.62 -10.28
CA THR B 113 -2.39 -1.30 -11.66
C THR B 113 -1.88 0.07 -11.98
N MET B 114 -1.03 0.13 -13.02
CA MET B 114 -0.38 1.33 -13.45
C MET B 114 -1.34 2.12 -14.36
N VAL B 115 -1.67 3.34 -13.94
CA VAL B 115 -2.53 4.24 -14.71
C VAL B 115 -1.74 5.45 -15.17
N THR B 116 -1.47 5.49 -16.48
CA THR B 116 -0.68 6.54 -17.13
C THR B 116 -1.59 7.50 -17.90
N VAL B 117 -1.36 8.81 -17.69
CA VAL B 117 -2.26 9.85 -18.22
C VAL B 117 -1.54 11.03 -18.91
N SER B 118 -1.21 10.83 -20.19
CA SER B 118 -0.78 11.88 -21.12
C SER B 118 -1.67 11.83 -22.36
N SER B 119 -1.55 12.87 -23.20
CA SER B 119 -2.25 12.92 -24.48
C SER B 119 -1.54 12.08 -25.55
N ALA B 120 -0.25 11.78 -25.31
CA ALA B 120 0.53 10.85 -26.12
C ALA B 120 -0.19 9.50 -26.17
N SER B 121 -0.32 8.93 -27.38
CA SER B 121 -1.03 7.67 -27.58
C SER B 121 -0.04 6.51 -27.59
N THR B 122 -0.54 5.33 -27.23
CA THR B 122 0.27 4.12 -27.08
C THR B 122 1.20 3.85 -28.28
N LYS B 123 2.34 3.20 -28.01
CA LYS B 123 3.32 2.85 -29.01
C LYS B 123 4.24 1.74 -28.52
N GLY B 124 4.41 0.72 -29.38
CA GLY B 124 5.19 -0.47 -29.08
C GLY B 124 6.69 -0.22 -29.25
N PRO B 125 7.55 -0.96 -28.51
CA PRO B 125 8.98 -0.66 -28.44
C PRO B 125 9.78 -1.22 -29.62
N SER B 126 10.89 -0.57 -29.95
CA SER B 126 11.89 -1.10 -30.86
C SER B 126 12.95 -1.76 -29.98
N VAL B 127 13.30 -3.01 -30.30
CA VAL B 127 14.29 -3.75 -29.54
C VAL B 127 15.60 -3.75 -30.31
N PHE B 128 16.70 -3.47 -29.62
CA PHE B 128 18.04 -3.49 -30.21
C PHE B 128 18.97 -4.29 -29.32
N PRO B 129 19.86 -5.12 -29.88
CA PRO B 129 20.78 -5.92 -29.06
C PRO B 129 22.05 -5.20 -28.59
N LEU B 130 22.44 -5.43 -27.33
CA LEU B 130 23.77 -5.10 -26.82
C LEU B 130 24.66 -6.36 -26.81
N ALA B 131 25.55 -6.44 -27.80
CA ALA B 131 26.40 -7.62 -28.04
C ALA B 131 27.80 -7.50 -27.44
N PRO B 132 28.41 -8.62 -26.96
CA PRO B 132 29.69 -8.59 -26.23
C PRO B 132 31.00 -8.22 -26.97
N SER B 133 31.98 -7.75 -26.17
CA SER B 133 33.29 -7.27 -26.59
C SER B 133 34.09 -8.35 -27.29
N GLY B 134 36.78 -13.06 -17.91
CA GLY B 134 36.19 -14.09 -17.07
C GLY B 134 34.69 -14.01 -17.10
N THR B 135 34.16 -12.85 -16.68
CA THR B 135 32.74 -12.52 -16.77
C THR B 135 32.51 -11.83 -18.12
N ALA B 136 31.29 -11.96 -18.65
CA ALA B 136 30.86 -11.26 -19.87
C ALA B 136 29.47 -10.64 -19.68
N ALA B 137 29.20 -9.60 -20.47
CA ALA B 137 27.94 -8.86 -20.43
C ALA B 137 27.24 -8.84 -21.79
N LEU B 138 25.92 -9.05 -21.79
CA LEU B 138 25.12 -8.73 -22.97
C LEU B 138 23.72 -8.29 -22.55
N GLY B 139 22.93 -7.81 -23.51
CA GLY B 139 21.62 -7.29 -23.19
C GLY B 139 20.74 -6.88 -24.35
N CYS B 140 19.62 -6.26 -24.01
CA CYS B 140 18.71 -5.68 -24.96
C CYS B 140 18.41 -4.24 -24.59
N LEU B 141 18.17 -3.43 -25.62
CA LEU B 141 17.79 -2.05 -25.54
C LEU B 141 16.35 -1.89 -26.07
N VAL B 142 15.41 -1.78 -25.11
CA VAL B 142 13.99 -1.59 -25.35
C VAL B 142 13.70 -0.10 -25.48
N LYS B 143 13.79 0.36 -26.73
CA LYS B 143 13.81 1.77 -27.10
C LYS B 143 12.42 2.31 -27.49
N ASP B 144 12.12 3.53 -27.04
CA ASP B 144 11.00 4.36 -27.53
C ASP B 144 9.66 3.65 -27.52
N TYR B 145 9.04 3.55 -26.33
CA TYR B 145 7.70 2.95 -26.13
C TYR B 145 6.89 3.79 -25.15
N PHE B 146 5.61 3.41 -24.99
CA PHE B 146 4.63 4.11 -24.17
C PHE B 146 3.34 3.30 -24.23
N PRO B 147 2.56 3.14 -23.14
CA PRO B 147 2.94 3.59 -21.80
C PRO B 147 3.87 2.60 -21.07
N GLU B 148 4.28 2.96 -19.85
CA GLU B 148 5.43 2.38 -19.15
C GLU B 148 5.55 0.87 -18.98
N PRO B 149 4.49 0.12 -18.60
CA PRO B 149 4.65 -1.30 -18.28
C PRO B 149 5.12 -2.12 -19.48
N VAL B 150 6.34 -2.66 -19.40
CA VAL B 150 6.90 -3.60 -20.36
C VAL B 150 7.58 -4.71 -19.55
N THR B 151 7.34 -5.97 -19.93
CA THR B 151 7.91 -7.12 -19.25
C THR B 151 9.01 -7.79 -20.10
N VAL B 152 10.20 -7.89 -19.52
CA VAL B 152 11.37 -8.47 -20.20
C VAL B 152 11.88 -9.72 -19.50
N SER B 153 12.14 -10.76 -20.30
CA SER B 153 12.71 -12.01 -19.84
C SER B 153 13.76 -12.50 -20.85
N TRP B 154 14.50 -13.55 -20.47
CA TRP B 154 15.65 -14.04 -21.24
C TRP B 154 15.60 -15.55 -21.38
N ASN B 155 15.46 -16.01 -22.62
CA ASN B 155 15.30 -17.41 -22.98
C ASN B 155 14.00 -17.97 -22.39
N SER B 156 12.91 -17.23 -22.62
CA SER B 156 11.53 -17.65 -22.38
C SER B 156 11.29 -18.02 -20.92
N GLY B 157 11.91 -17.25 -20.02
CA GLY B 157 12.14 -17.64 -18.63
C GLY B 157 13.56 -18.15 -18.55
N ALA B 158 13.74 -19.38 -18.07
CA ALA B 158 15.06 -20.02 -17.97
C ALA B 158 16.10 -19.20 -17.19
N LEU B 159 16.83 -18.33 -17.90
CA LEU B 159 18.06 -17.66 -17.43
C LEU B 159 17.98 -17.10 -16.00
N THR B 160 17.09 -16.12 -15.79
CA THR B 160 16.75 -15.58 -14.46
C THR B 160 17.89 -14.98 -13.59
N SER B 161 19.04 -15.65 -13.49
CA SER B 161 20.14 -15.26 -12.59
C SER B 161 21.22 -14.46 -13.31
N GLY B 162 21.65 -13.36 -12.68
CA GLY B 162 22.63 -12.47 -13.24
C GLY B 162 22.04 -11.40 -14.14
N VAL B 163 20.72 -11.46 -14.35
CA VAL B 163 20.02 -10.47 -15.17
C VAL B 163 19.59 -9.28 -14.33
N HIS B 164 19.95 -8.08 -14.84
CA HIS B 164 19.42 -6.83 -14.36
C HIS B 164 18.65 -6.24 -15.53
N THR B 165 17.34 -6.04 -15.36
CA THR B 165 16.60 -5.13 -16.22
C THR B 165 16.44 -3.86 -15.39
N PHE B 166 16.87 -2.74 -15.99
CA PHE B 166 16.94 -1.45 -15.32
C PHE B 166 15.61 -0.72 -15.38
N PRO B 167 15.30 0.14 -14.40
CA PRO B 167 14.13 1.02 -14.48
C PRO B 167 14.07 1.81 -15.81
N ALA B 168 12.87 2.13 -16.27
CA ALA B 168 12.69 2.84 -17.53
C ALA B 168 12.80 4.32 -17.29
N VAL B 169 13.27 5.06 -18.31
CA VAL B 169 13.50 6.49 -18.20
C VAL B 169 12.74 7.20 -19.33
N LEU B 170 12.13 8.35 -19.00
CA LEU B 170 11.58 9.26 -19.99
C LEU B 170 12.71 9.97 -20.71
N GLN B 171 12.78 9.80 -22.03
CA GLN B 171 13.72 10.57 -22.84
C GLN B 171 12.99 11.87 -23.18
N SER B 172 13.74 12.85 -23.67
CA SER B 172 13.19 14.19 -23.89
C SER B 172 11.97 14.14 -24.81
N SER B 173 11.98 13.19 -25.74
CA SER B 173 10.89 12.95 -26.69
C SER B 173 9.55 12.82 -26.01
N GLY B 174 9.54 12.15 -24.86
CA GLY B 174 8.34 11.81 -24.13
C GLY B 174 7.94 10.37 -24.37
N LEU B 175 8.94 9.52 -24.64
CA LEU B 175 8.78 8.08 -24.67
C LEU B 175 9.79 7.49 -23.72
N TYR B 176 9.52 6.26 -23.30
CA TYR B 176 10.35 5.49 -22.33
C TYR B 176 11.37 4.65 -23.09
N SER B 177 12.52 4.40 -22.47
CA SER B 177 13.46 3.41 -22.97
C SER B 177 14.24 2.82 -21.84
N LEU B 178 14.77 1.62 -22.08
CA LEU B 178 15.25 0.75 -21.02
C LEU B 178 16.21 -0.32 -21.55
N SER B 179 17.04 -0.85 -20.65
CA SER B 179 17.97 -1.89 -20.99
C SER B 179 17.92 -3.03 -19.98
N SER B 180 17.99 -4.26 -20.51
CA SER B 180 18.11 -5.47 -19.74
C SER B 180 19.43 -6.10 -20.11
N VAL B 181 20.37 -6.05 -19.18
CA VAL B 181 21.64 -6.72 -19.31
C VAL B 181 21.57 -7.99 -18.48
N VAL B 182 22.39 -8.96 -18.86
CA VAL B 182 22.58 -10.17 -18.11
C VAL B 182 24.04 -10.56 -18.24
N THR B 183 24.57 -11.04 -17.11
CA THR B 183 25.96 -11.41 -16.94
C THR B 183 26.03 -12.90 -17.21
N VAL B 184 27.13 -13.32 -17.82
CA VAL B 184 27.26 -14.67 -18.30
C VAL B 184 28.74 -15.07 -18.28
N PRO B 185 29.09 -16.35 -18.04
CA PRO B 185 30.47 -16.80 -18.20
C PRO B 185 31.03 -16.39 -19.57
N SER B 186 32.26 -15.87 -19.60
CA SER B 186 32.83 -15.29 -20.82
C SER B 186 33.12 -16.34 -21.87
N SER B 187 33.21 -17.61 -21.43
CA SER B 187 33.16 -18.78 -22.30
C SER B 187 31.68 -19.11 -22.49
N SER B 188 31.40 -20.10 -23.34
CA SER B 188 30.03 -20.51 -23.63
C SER B 188 29.23 -19.40 -24.35
N LEU B 189 29.86 -18.80 -25.38
CA LEU B 189 29.21 -17.84 -26.27
C LEU B 189 29.13 -18.54 -27.61
N GLY B 190 30.27 -19.00 -28.11
CA GLY B 190 30.32 -20.02 -29.15
C GLY B 190 29.50 -21.19 -28.61
N THR B 191 28.48 -21.60 -29.38
CA THR B 191 27.42 -22.55 -28.97
C THR B 191 26.18 -21.81 -28.44
N GLN B 192 26.02 -21.74 -27.10
CA GLN B 192 24.85 -21.19 -26.41
C GLN B 192 24.23 -19.92 -27.04
N THR B 193 22.89 -19.92 -27.18
CA THR B 193 22.10 -18.83 -27.80
C THR B 193 21.25 -18.10 -26.77
N TYR B 194 21.24 -16.77 -26.87
CA TYR B 194 20.64 -15.84 -25.87
C TYR B 194 19.54 -15.01 -26.54
N ILE B 195 18.28 -15.36 -26.27
CA ILE B 195 17.13 -14.65 -26.83
C ILE B 195 16.47 -13.84 -25.71
N CYS B 196 16.28 -12.54 -25.92
CA CYS B 196 15.50 -11.73 -24.99
C CYS B 196 14.06 -11.60 -25.50
N ASN B 197 13.10 -11.74 -24.58
CA ASN B 197 11.68 -11.70 -24.86
C ASN B 197 11.09 -10.44 -24.25
N VAL B 198 10.53 -9.56 -25.09
CA VAL B 198 9.91 -8.32 -24.65
C VAL B 198 8.39 -8.36 -24.87
N ASN B 199 7.64 -7.79 -23.92
CA ASN B 199 6.19 -7.90 -23.91
C ASN B 199 5.48 -6.62 -23.45
N HIS B 200 4.83 -5.95 -24.42
CA HIS B 200 4.10 -4.70 -24.22
C HIS B 200 2.60 -4.88 -24.55
N LYS B 201 1.84 -5.35 -23.55
CA LYS B 201 0.41 -5.67 -23.66
C LYS B 201 -0.48 -4.51 -24.06
N PRO B 202 -0.16 -3.23 -23.73
CA PRO B 202 -0.94 -2.09 -24.22
C PRO B 202 -0.89 -1.91 -25.75
N SER B 203 0.10 -2.52 -26.42
CA SER B 203 0.17 -2.62 -27.87
C SER B 203 0.07 -4.09 -28.33
N ASN B 204 -0.32 -4.97 -27.39
CA ASN B 204 -0.26 -6.43 -27.53
C ASN B 204 0.89 -6.88 -28.43
N THR B 205 2.08 -6.33 -28.14
CA THR B 205 3.31 -6.56 -28.87
C THR B 205 4.18 -7.53 -28.09
N LYS B 206 4.55 -8.62 -28.76
CA LYS B 206 5.37 -9.69 -28.21
C LYS B 206 6.54 -9.86 -29.17
N VAL B 207 7.75 -9.62 -28.67
CA VAL B 207 8.96 -9.59 -29.49
C VAL B 207 10.06 -10.46 -28.92
N ASP B 208 10.54 -11.39 -29.75
CA ASP B 208 11.72 -12.21 -29.47
C ASP B 208 12.90 -11.54 -30.16
N LYS B 209 14.11 -11.79 -29.65
CA LYS B 209 15.31 -11.22 -30.24
C LYS B 209 16.58 -11.94 -29.83
N LYS B 210 17.24 -12.55 -30.83
CA LYS B 210 18.52 -13.23 -30.66
C LYS B 210 19.65 -12.21 -30.53
N VAL B 211 20.50 -12.41 -29.52
CA VAL B 211 21.75 -11.68 -29.33
C VAL B 211 22.89 -12.53 -29.90
N GLU B 212 23.86 -11.87 -30.55
CA GLU B 212 25.03 -12.52 -31.14
C GLU B 212 26.26 -11.82 -30.56
N PRO B 213 27.46 -12.45 -30.54
CA PRO B 213 28.70 -11.73 -30.21
C PRO B 213 29.31 -10.89 -31.34
N LYS B 214 30.44 -10.23 -31.06
CA LYS B 214 31.14 -9.35 -31.99
C LYS B 214 32.67 -9.53 -31.91
CA ASP C 1 -6.81 14.51 8.29
C ASP C 1 -6.10 14.54 9.64
N ILE C 2 -5.21 13.56 9.84
CA ILE C 2 -4.25 13.51 10.93
C ILE C 2 -2.96 13.09 10.27
N GLN C 3 -2.00 14.01 10.17
CA GLN C 3 -0.77 13.79 9.43
C GLN C 3 0.24 12.98 10.25
N MET C 4 1.08 12.19 9.55
CA MET C 4 2.08 11.36 10.21
C MET C 4 3.46 11.54 9.59
N THR C 5 4.44 11.75 10.46
CA THR C 5 5.79 12.08 10.06
C THR C 5 6.72 11.00 10.51
N GLN C 6 7.12 10.17 9.56
CA GLN C 6 8.04 9.09 9.79
C GLN C 6 9.44 9.65 9.68
N SER C 7 10.38 9.09 10.46
CA SER C 7 11.78 9.50 10.39
C SER C 7 12.70 8.43 10.98
N PRO C 8 13.99 8.40 10.60
CA PRO C 8 14.54 9.27 9.55
C PRO C 8 14.07 8.82 8.15
N SER C 9 14.24 9.68 7.15
CA SER C 9 13.78 9.42 5.78
C SER C 9 14.58 8.31 5.08
N SER C 10 15.89 8.25 5.33
CA SER C 10 16.74 7.16 4.86
C SER C 10 17.62 6.65 6.01
N LEU C 11 17.95 5.35 5.98
CA LEU C 11 18.68 4.69 7.04
C LEU C 11 19.60 3.59 6.49
N SER C 12 20.92 3.75 6.70
CA SER C 12 21.92 2.81 6.19
C SER C 12 22.63 2.07 7.32
N ALA C 13 22.40 0.74 7.42
CA ALA C 13 22.87 -0.07 8.54
C ALA C 13 23.34 -1.43 8.08
N SER C 14 24.30 -2.01 8.80
CA SER C 14 24.92 -3.27 8.39
C SER C 14 24.20 -4.47 8.99
N VAL C 15 24.44 -5.64 8.38
CA VAL C 15 23.80 -6.88 8.79
C VAL C 15 23.97 -7.15 10.31
N GLY C 16 22.96 -7.79 10.91
CA GLY C 16 22.96 -8.14 12.32
C GLY C 16 22.68 -7.01 13.29
N ASP C 17 22.48 -5.80 12.76
CA ASP C 17 22.23 -4.62 13.59
C ASP C 17 20.78 -4.54 14.07
N THR C 18 20.49 -3.53 14.89
CA THR C 18 19.14 -3.20 15.36
C THR C 18 18.79 -1.78 14.92
N VAL C 19 17.80 -1.66 14.02
CA VAL C 19 17.28 -0.39 13.55
C VAL C 19 15.93 -0.02 14.17
N THR C 20 15.70 1.29 14.30
CA THR C 20 14.57 1.87 15.02
C THR C 20 13.99 3.04 14.23
N ILE C 21 12.74 2.88 13.79
CA ILE C 21 12.02 3.85 12.96
C ILE C 21 10.86 4.45 13.75
N THR C 22 10.66 5.77 13.60
CA THR C 22 9.75 6.55 14.42
C THR C 22 8.63 7.13 13.59
N CYS C 23 7.53 7.51 14.24
CA CYS C 23 6.37 8.09 13.55
C CYS C 23 5.52 9.02 14.42
N ARG C 24 5.99 10.26 14.60
CA ARG C 24 5.24 11.36 15.28
C ARG C 24 3.95 11.68 14.51
N ALA C 25 2.87 11.97 15.23
CA ALA C 25 1.54 12.16 14.67
C ALA C 25 0.91 13.49 15.10
N GLY C 26 0.21 14.14 14.16
CA GLY C 26 -0.56 15.34 14.42
C GLY C 26 -1.30 15.24 15.73
N GLN C 27 -1.94 14.08 15.95
CA GLN C 27 -2.70 13.76 17.16
C GLN C 27 -2.47 12.30 17.58
N THR C 28 -3.31 11.81 18.50
CA THR C 28 -3.14 10.55 19.22
C THR C 28 -4.01 9.35 18.73
N ILE C 29 -3.45 8.12 18.73
CA ILE C 29 -4.17 6.86 18.41
C ILE C 29 -3.73 5.64 19.27
N ASN C 30 -4.39 4.47 19.09
CA ASN C 30 -4.23 3.28 19.98
C ASN C 30 -4.01 1.86 19.34
N THR C 31 -5.05 1.00 19.36
CA THR C 31 -5.10 -0.22 18.52
C THR C 31 -5.52 0.15 17.10
N PHE C 32 -5.01 1.28 16.58
CA PHE C 32 -5.29 1.75 15.22
C PHE C 32 -4.06 2.28 14.47
N LEU C 33 -2.86 2.04 14.99
CA LEU C 33 -1.64 2.31 14.23
C LEU C 33 -1.12 0.99 13.74
N ASN C 34 -0.64 0.98 12.49
CA ASN C 34 -0.12 -0.24 11.87
C ASN C 34 1.04 0.06 10.90
N TRP C 35 2.04 -0.85 10.85
CA TRP C 35 3.27 -0.66 10.02
C TRP C 35 3.32 -1.58 8.80
N TYR C 36 3.85 -1.07 7.67
CA TYR C 36 3.89 -1.79 6.36
C TYR C 36 5.31 -1.84 5.78
N GLN C 37 5.62 -2.93 5.07
CA GLN C 37 6.89 -3.14 4.40
C GLN C 37 6.70 -3.36 2.91
N GLN C 38 7.03 -2.32 2.13
CA GLN C 38 7.10 -2.44 0.68
C GLN C 38 8.53 -2.75 0.19
N LYS C 39 8.79 -4.02 -0.12
CA LYS C 39 10.00 -4.45 -0.77
C LYS C 39 9.96 -3.97 -2.21
N PRO C 40 11.12 -3.84 -2.91
CA PRO C 40 11.14 -3.33 -4.28
C PRO C 40 10.64 -4.39 -5.29
N GLY C 41 9.87 -3.93 -6.27
CA GLY C 41 9.21 -4.80 -7.25
C GLY C 41 8.02 -5.57 -6.69
N LYS C 42 7.48 -5.11 -5.55
CA LYS C 42 6.58 -5.89 -4.71
C LYS C 42 5.49 -4.98 -4.13
N ALA C 43 4.29 -5.53 -3.91
CA ALA C 43 3.22 -4.82 -3.21
C ALA C 43 3.59 -4.60 -1.74
N PRO C 44 2.84 -3.75 -1.01
CA PRO C 44 3.02 -3.64 0.44
C PRO C 44 2.68 -4.92 1.22
N LYS C 45 3.36 -5.11 2.35
CA LYS C 45 3.17 -6.23 3.25
C LYS C 45 2.86 -5.64 4.64
N LEU C 46 1.80 -6.12 5.28
CA LEU C 46 1.50 -5.70 6.64
C LEU C 46 2.48 -6.41 7.55
N LEU C 47 3.05 -5.67 8.51
CA LEU C 47 4.04 -6.21 9.42
C LEU C 47 3.51 -6.28 10.83
N ILE C 48 3.07 -5.13 11.36
CA ILE C 48 2.54 -5.03 12.70
C ILE C 48 1.21 -4.36 12.56
N TYR C 49 0.23 -4.77 13.39
CA TYR C 49 -1.11 -4.12 13.45
C TYR C 49 -1.48 -3.82 14.90
N ALA C 50 -2.58 -3.09 15.09
CA ALA C 50 -3.05 -2.63 16.39
C ALA C 50 -1.87 -2.21 17.33
N ALA C 51 -0.90 -1.50 16.76
CA ALA C 51 0.27 -0.92 17.42
C ALA C 51 1.47 -1.86 17.62
N SER C 52 1.27 -2.93 18.40
CA SER C 52 2.36 -3.85 18.78
C SER C 52 2.10 -5.30 18.36
N THR C 53 0.93 -5.54 17.74
CA THR C 53 0.61 -6.86 17.30
C THR C 53 1.43 -7.58 16.23
N LEU C 54 2.00 -8.70 16.70
CA LEU C 54 3.04 -9.51 16.05
C LEU C 54 2.81 -9.88 14.57
N GLN C 55 1.54 -9.98 14.17
CA GLN C 55 1.13 -10.43 12.85
C GLN C 55 1.45 -11.90 12.58
N SER C 56 1.68 -12.25 11.30
CA SER C 56 1.50 -13.62 10.78
C SER C 56 2.14 -13.77 9.41
N GLY C 57 3.23 -14.56 9.36
CA GLY C 57 4.11 -14.63 8.23
C GLY C 57 5.36 -13.82 8.55
N VAL C 58 5.18 -12.77 9.38
CA VAL C 58 6.29 -11.93 9.82
C VAL C 58 6.94 -12.55 11.05
N PRO C 59 8.28 -12.57 11.12
CA PRO C 59 8.98 -13.11 12.28
C PRO C 59 9.02 -12.14 13.46
N SER C 60 9.44 -12.67 14.61
CA SER C 60 9.50 -11.96 15.87
C SER C 60 10.77 -11.11 16.01
N ARG C 61 11.56 -11.03 14.94
CA ARG C 61 12.71 -10.08 14.87
C ARG C 61 12.14 -8.69 14.56
N PHE C 62 10.91 -8.63 14.03
CA PHE C 62 10.15 -7.39 13.92
C PHE C 62 9.30 -7.14 15.15
N SER C 63 9.30 -5.90 15.64
CA SER C 63 8.48 -5.55 16.79
C SER C 63 8.16 -4.06 16.83
N GLY C 64 6.89 -3.76 17.11
CA GLY C 64 6.37 -2.41 17.18
C GLY C 64 5.96 -2.07 18.60
N SER C 65 5.73 -0.78 18.83
CA SER C 65 5.50 -0.23 20.14
C SER C 65 5.24 1.25 19.98
N GLY C 66 4.57 1.86 20.97
CA GLY C 66 4.26 3.27 20.95
C GLY C 66 3.13 3.68 21.89
N SER C 67 3.16 4.94 22.32
CA SER C 67 2.09 5.59 23.06
C SER C 67 1.56 6.81 22.29
N GLY C 68 0.39 7.32 22.70
CA GLY C 68 -0.17 8.58 22.22
C GLY C 68 0.06 8.96 20.76
N THR C 69 1.17 9.69 20.51
CA THR C 69 1.51 10.25 19.19
C THR C 69 2.86 9.80 18.59
N ASP C 70 3.63 9.02 19.35
CA ASP C 70 4.96 8.59 18.97
C ASP C 70 4.98 7.08 18.91
N PHE C 71 5.42 6.51 17.79
CA PHE C 71 5.40 5.07 17.54
C PHE C 71 6.69 4.63 16.88
N THR C 72 7.01 3.34 16.99
CA THR C 72 8.36 2.84 16.77
C THR C 72 8.44 1.39 16.36
N LEU C 73 8.73 1.17 15.07
CA LEU C 73 9.04 -0.17 14.55
C LEU C 73 10.52 -0.35 14.81
N THR C 74 10.91 -1.56 15.23
CA THR C 74 12.31 -1.88 15.35
C THR C 74 12.55 -3.27 14.81
N ILE C 75 13.60 -3.36 13.98
CA ILE C 75 14.12 -4.64 13.50
C ILE C 75 15.44 -4.90 14.20
N ASN C 76 15.69 -6.16 14.55
CA ASN C 76 16.93 -6.58 15.20
C ASN C 76 17.45 -7.68 14.35
N SER C 77 18.72 -8.04 14.54
CA SER C 77 19.34 -9.01 13.68
C SER C 77 18.93 -8.68 12.24
N LEU C 78 19.33 -7.50 11.78
CA LEU C 78 19.11 -7.06 10.41
C LEU C 78 19.59 -8.10 9.44
N GLN C 79 18.79 -8.31 8.38
CA GLN C 79 19.14 -9.23 7.32
C GLN C 79 19.11 -8.51 5.98
N PRO C 80 19.92 -8.96 4.99
CA PRO C 80 19.91 -8.34 3.67
C PRO C 80 18.48 -8.15 3.15
N GLU C 81 17.66 -9.21 3.22
CA GLU C 81 16.26 -9.19 2.80
C GLU C 81 15.47 -7.99 3.31
N ASP C 82 15.67 -7.62 4.58
CA ASP C 82 14.91 -6.55 5.26
C ASP C 82 14.82 -5.18 4.59
N PHE C 83 15.72 -4.90 3.64
CA PHE C 83 15.80 -3.59 3.00
C PHE C 83 14.56 -3.33 2.16
N ALA C 84 13.93 -2.18 2.37
CA ALA C 84 12.69 -1.86 1.70
C ALA C 84 12.33 -0.43 2.06
N THR C 85 11.09 -0.03 1.71
CA THR C 85 10.46 1.13 2.32
C THR C 85 9.39 0.70 3.32
N TYR C 86 9.38 1.38 4.48
CA TYR C 86 8.46 1.10 5.62
C TYR C 86 7.50 2.29 5.79
N TYR C 87 6.22 1.99 6.04
CA TYR C 87 5.12 3.00 6.08
C TYR C 87 4.31 2.85 7.38
N CYS C 88 3.90 3.98 7.95
CA CYS C 88 2.98 4.06 9.06
C CYS C 88 1.59 3.97 8.48
N GLN C 89 0.61 3.75 9.36
CA GLN C 89 -0.81 3.94 9.05
C GLN C 89 -1.60 4.22 10.32
N GLN C 90 -2.69 4.95 10.17
CA GLN C 90 -3.65 5.25 11.23
C GLN C 90 -5.05 4.81 10.70
N SER C 91 -6.07 4.72 11.57
CA SER C 91 -7.40 4.25 11.10
C SER C 91 -8.71 4.86 11.73
N TYR C 92 -9.24 5.87 11.02
CA TYR C 92 -10.67 6.28 10.84
C TYR C 92 -11.13 7.23 11.95
N SER C 93 -12.45 7.33 12.15
CA SER C 93 -13.09 8.39 12.91
C SER C 93 -12.78 9.68 12.16
N ASN C 94 -13.26 9.69 10.91
CA ASN C 94 -12.76 10.43 9.76
C ASN C 94 -11.28 10.15 9.51
N LEU C 95 -10.93 9.92 8.23
CA LEU C 95 -9.57 10.08 7.72
C LEU C 95 -8.62 8.89 7.89
N TYR C 96 -7.94 8.53 6.81
CA TYR C 96 -6.86 7.51 6.78
C TYR C 96 -5.55 8.16 6.40
N THR C 97 -4.45 7.59 6.87
CA THR C 97 -3.18 8.26 6.76
C THR C 97 -2.05 7.27 6.78
N PHE C 98 -1.08 7.50 5.90
CA PHE C 98 0.23 6.90 5.98
C PHE C 98 1.23 8.04 6.14
N SER C 99 2.51 7.74 5.97
CA SER C 99 3.54 8.77 5.99
C SER C 99 4.39 8.71 4.75
N GLN C 100 5.26 9.72 4.60
CA GLN C 100 6.22 9.84 3.51
C GLN C 100 6.80 8.49 3.10
N GLY C 101 7.35 7.75 4.08
CA GLY C 101 8.14 6.56 3.84
C GLY C 101 9.43 6.59 4.67
N THR C 102 10.08 5.43 4.81
CA THR C 102 11.44 5.34 5.32
C THR C 102 12.17 4.23 4.56
N LYS C 103 13.23 4.62 3.84
CA LYS C 103 14.02 3.67 3.05
C LYS C 103 15.13 3.14 3.94
N VAL C 104 15.29 1.82 3.96
CA VAL C 104 16.34 1.17 4.75
C VAL C 104 17.34 0.48 3.83
N GLU C 105 18.45 1.15 3.51
CA GLU C 105 19.53 0.53 2.74
C GLU C 105 20.37 -0.29 3.71
N ILE C 106 20.96 -1.37 3.18
CA ILE C 106 21.82 -2.27 3.95
C ILE C 106 23.29 -1.98 3.66
N LYS C 107 23.95 -1.26 4.58
CA LYS C 107 25.37 -0.96 4.53
C LYS C 107 26.18 -2.22 4.33
N ARG C 108 27.31 -2.09 3.61
CA ARG C 108 28.29 -3.19 3.40
C ARG C 108 29.61 -2.60 2.89
N THR C 109 30.64 -3.44 2.77
CA THR C 109 31.97 -3.03 2.31
C THR C 109 31.88 -2.51 0.87
N VAL C 110 32.71 -1.51 0.54
CA VAL C 110 32.67 -0.88 -0.78
C VAL C 110 33.07 -1.88 -1.86
N ALA C 111 32.29 -1.89 -2.95
CA ALA C 111 32.53 -2.76 -4.09
C ALA C 111 32.53 -1.85 -5.29
N ALA C 112 33.59 -1.95 -6.10
CA ALA C 112 33.77 -1.12 -7.25
C ALA C 112 32.96 -1.68 -8.41
N PRO C 113 32.48 -0.83 -9.34
CA PRO C 113 31.73 -1.30 -10.49
C PRO C 113 32.64 -2.02 -11.49
N SER C 114 32.07 -2.97 -12.24
CA SER C 114 32.68 -3.51 -13.42
C SER C 114 31.96 -2.78 -14.56
N VAL C 115 32.71 -1.93 -15.28
CA VAL C 115 32.15 -1.13 -16.34
C VAL C 115 32.25 -1.91 -17.64
N PHE C 116 31.24 -1.72 -18.49
CA PHE C 116 31.10 -2.43 -19.75
C PHE C 116 30.45 -1.45 -20.70
N ILE C 117 31.05 -1.26 -21.88
CA ILE C 117 30.52 -0.33 -22.86
C ILE C 117 30.02 -1.09 -24.08
N PHE C 118 28.80 -0.78 -24.54
CA PHE C 118 28.26 -1.35 -25.76
C PHE C 118 28.10 -0.27 -26.82
N PRO C 119 28.73 -0.42 -28.01
CA PRO C 119 28.54 0.55 -29.08
C PRO C 119 27.19 0.30 -29.73
N PRO C 120 26.67 1.27 -30.52
CA PRO C 120 25.41 1.11 -31.23
C PRO C 120 25.39 -0.14 -32.12
N SER C 121 24.27 -0.87 -32.08
CA SER C 121 23.95 -1.94 -33.01
C SER C 121 23.72 -1.40 -34.43
N ASP C 122 24.04 -2.23 -35.43
CA ASP C 122 23.73 -1.90 -36.81
C ASP C 122 22.23 -1.70 -37.07
N GLU C 123 21.39 -2.48 -36.38
CA GLU C 123 19.94 -2.34 -36.49
C GLU C 123 19.51 -0.92 -36.19
N GLN C 124 20.01 -0.40 -35.06
CA GLN C 124 19.67 0.94 -34.60
C GLN C 124 20.13 2.04 -35.55
N LEU C 125 21.34 1.90 -36.11
CA LEU C 125 21.90 2.91 -37.01
C LEU C 125 21.11 3.02 -38.29
N LYS C 126 20.61 1.88 -38.78
CA LYS C 126 19.73 1.84 -39.94
C LYS C 126 18.49 2.67 -39.66
N SER C 127 17.90 2.45 -38.48
CA SER C 127 16.71 3.16 -38.04
C SER C 127 16.92 4.64 -37.67
N GLY C 128 18.14 5.16 -37.82
CA GLY C 128 18.38 6.58 -37.74
C GLY C 128 19.12 7.12 -36.53
N THR C 129 19.17 6.34 -35.45
CA THR C 129 19.63 6.80 -34.14
C THR C 129 20.79 5.97 -33.56
N ALA C 130 21.66 6.61 -32.78
CA ALA C 130 22.75 5.90 -32.12
C ALA C 130 22.55 5.96 -30.61
N SER C 131 22.79 4.83 -29.96
CA SER C 131 22.79 4.74 -28.50
C SER C 131 24.01 3.99 -28.09
N VAL C 132 24.78 4.58 -27.17
CA VAL C 132 25.92 3.93 -26.57
C VAL C 132 25.59 3.79 -25.10
N VAL C 133 25.60 2.53 -24.63
CA VAL C 133 25.24 2.19 -23.27
C VAL C 133 26.46 1.75 -22.49
N CYS C 134 26.75 2.49 -21.43
CA CYS C 134 27.74 2.17 -20.43
C CYS C 134 27.03 1.47 -19.27
N LEU C 135 27.65 0.43 -18.71
CA LEU C 135 27.05 -0.42 -17.68
C LEU C 135 27.98 -0.64 -16.50
N LEU C 136 27.59 -0.08 -15.34
CA LEU C 136 28.30 -0.26 -14.09
C LEU C 136 27.65 -1.36 -13.29
N ASN C 137 28.41 -2.41 -13.00
CA ASN C 137 27.82 -3.59 -12.43
C ASN C 137 28.27 -3.88 -11.01
N ASN C 138 27.29 -4.16 -10.15
CA ASN C 138 27.49 -4.67 -8.79
C ASN C 138 28.50 -3.90 -7.93
N PHE C 139 28.03 -2.76 -7.41
CA PHE C 139 28.87 -1.86 -6.64
C PHE C 139 28.12 -1.33 -5.42
N TYR C 140 28.88 -0.78 -4.47
CA TYR C 140 28.36 -0.07 -3.27
C TYR C 140 29.44 0.87 -2.77
N PRO C 141 29.12 2.10 -2.30
CA PRO C 141 27.75 2.58 -2.20
C PRO C 141 27.13 2.87 -3.57
N ARG C 142 25.93 3.45 -3.59
CA ARG C 142 25.28 3.97 -4.81
C ARG C 142 26.18 5.09 -5.36
N GLU C 143 25.94 6.35 -4.99
CA GLU C 143 26.91 7.43 -5.16
C GLU C 143 28.12 7.00 -6.01
N ALA C 144 27.92 6.95 -7.33
CA ALA C 144 28.97 6.75 -8.33
C ALA C 144 28.92 7.97 -9.23
N LYS C 145 29.74 8.00 -10.28
CA LYS C 145 29.82 9.15 -11.19
C LYS C 145 30.26 8.75 -12.60
N VAL C 146 29.41 8.99 -13.59
CA VAL C 146 29.70 8.70 -14.98
C VAL C 146 29.83 9.97 -15.80
N GLN C 147 30.74 9.95 -16.77
CA GLN C 147 30.87 11.01 -17.75
C GLN C 147 31.04 10.36 -19.11
N TRP C 148 30.48 11.01 -20.12
CA TRP C 148 30.75 10.64 -21.48
C TRP C 148 31.73 11.65 -21.94
N LYS C 149 32.86 11.16 -22.46
CA LYS C 149 33.78 12.00 -23.19
C LYS C 149 33.68 11.54 -24.63
N VAL C 150 33.77 12.50 -25.56
CA VAL C 150 33.59 12.28 -26.99
C VAL C 150 34.62 13.10 -27.76
N ASP C 151 35.54 12.40 -28.44
CA ASP C 151 36.78 12.98 -28.94
C ASP C 151 37.40 13.80 -27.80
N ASN C 152 37.26 13.28 -26.58
CA ASN C 152 37.77 13.87 -25.35
C ASN C 152 37.02 15.07 -24.72
N ALA C 153 36.01 15.60 -25.39
CA ALA C 153 35.23 16.69 -24.84
C ALA C 153 34.07 16.11 -24.06
N LEU C 154 33.85 16.64 -22.86
CA LEU C 154 32.80 16.17 -21.97
C LEU C 154 31.39 16.47 -22.51
N GLN C 155 30.67 15.42 -22.92
CA GLN C 155 29.27 15.53 -23.37
C GLN C 155 28.30 15.61 -22.19
N SER C 156 27.29 16.47 -22.28
CA SER C 156 26.41 16.77 -21.16
C SER C 156 24.94 16.54 -21.42
N GLY C 157 24.43 17.16 -22.49
CA GLY C 157 23.01 17.23 -22.72
C GLY C 157 22.19 15.94 -22.83
N ASN C 158 22.82 14.86 -23.30
CA ASN C 158 22.11 13.77 -23.95
C ASN C 158 22.39 12.36 -23.47
N SER C 159 22.53 12.21 -22.15
CA SER C 159 22.62 10.90 -21.52
C SER C 159 21.63 10.83 -20.37
N GLN C 160 21.31 9.61 -19.98
CA GLN C 160 20.40 9.36 -18.90
C GLN C 160 20.88 8.11 -18.17
N GLU C 161 20.86 8.18 -16.84
CA GLU C 161 21.28 7.08 -16.00
C GLU C 161 20.04 6.39 -15.43
N SER C 162 20.24 5.16 -14.97
CA SER C 162 19.24 4.38 -14.28
C SER C 162 19.99 3.41 -13.39
N VAL C 163 19.86 3.58 -12.09
CA VAL C 163 20.42 2.66 -11.13
C VAL C 163 19.28 1.74 -10.72
N THR C 164 19.61 0.47 -10.49
CA THR C 164 18.70 -0.53 -9.98
C THR C 164 18.57 -0.35 -8.49
N GLU C 165 17.49 -0.89 -7.92
CA GLU C 165 17.32 -0.96 -6.47
C GLU C 165 18.39 -1.89 -5.89
N GLN C 166 18.76 -1.67 -4.61
CA GLN C 166 19.76 -2.49 -3.95
C GLN C 166 19.35 -3.97 -4.08
N ASP C 167 20.33 -4.86 -4.25
CA ASP C 167 20.07 -6.27 -4.56
C ASP C 167 20.25 -7.14 -3.32
N SER C 168 19.12 -7.57 -2.74
CA SER C 168 19.04 -8.53 -1.62
C SER C 168 20.17 -9.56 -1.44
N LYS C 169 20.62 -10.17 -2.55
CA LYS C 169 21.66 -11.21 -2.50
C LYS C 169 23.02 -10.66 -2.02
N ASP C 170 23.59 -9.72 -2.79
CA ASP C 170 24.93 -9.17 -2.55
C ASP C 170 24.91 -7.70 -2.10
N SER C 171 23.71 -7.20 -1.78
CA SER C 171 23.42 -5.83 -1.36
C SER C 171 24.18 -4.77 -2.17
N THR C 172 24.28 -5.01 -3.48
CA THR C 172 24.95 -4.12 -4.41
C THR C 172 23.92 -3.34 -5.20
N TYR C 173 24.42 -2.45 -6.04
CA TYR C 173 23.67 -1.74 -7.10
C TYR C 173 24.28 -2.07 -8.46
N SER C 174 23.51 -1.76 -9.51
CA SER C 174 23.98 -1.71 -10.86
C SER C 174 23.40 -0.43 -11.45
N LEU C 175 23.95 0.01 -12.58
CA LEU C 175 23.60 1.29 -13.17
C LEU C 175 23.90 1.25 -14.67
N SER C 176 23.02 1.87 -15.45
CA SER C 176 23.28 2.11 -16.86
C SER C 176 23.38 3.62 -17.06
N SER C 177 24.33 4.05 -17.90
CA SER C 177 24.34 5.39 -18.47
C SER C 177 24.16 5.19 -19.95
N THR C 178 23.34 6.04 -20.58
CA THR C 178 23.00 5.83 -21.98
C THR C 178 23.07 7.13 -22.70
N LEU C 179 23.99 7.19 -23.67
CA LEU C 179 24.20 8.37 -24.49
C LEU C 179 23.50 8.11 -25.80
N THR C 180 22.53 8.97 -26.14
CA THR C 180 21.82 8.87 -27.40
C THR C 180 21.99 10.09 -28.30
N LEU C 181 22.58 9.86 -29.47
CA LEU C 181 22.72 10.83 -30.52
C LEU C 181 21.86 10.41 -31.72
N SER C 182 21.69 11.32 -32.67
CA SER C 182 21.19 10.98 -33.99
C SER C 182 22.38 10.37 -34.72
N LYS C 183 22.08 9.51 -35.71
CA LYS C 183 23.12 8.90 -36.55
C LYS C 183 24.07 9.96 -37.12
N ALA C 184 23.51 11.11 -37.51
CA ALA C 184 24.26 12.21 -38.12
C ALA C 184 25.23 12.90 -37.17
N ASP C 185 24.79 13.15 -35.93
CA ASP C 185 25.69 13.66 -34.88
C ASP C 185 26.77 12.64 -34.49
N TYR C 186 26.36 11.37 -34.39
CA TYR C 186 27.22 10.21 -34.05
C TYR C 186 28.42 10.12 -35.00
N GLU C 187 28.23 10.47 -36.28
CA GLU C 187 29.27 10.31 -37.30
C GLU C 187 30.30 11.45 -37.31
N LYS C 188 30.04 12.51 -36.54
CA LYS C 188 30.89 13.70 -36.42
C LYS C 188 31.91 13.61 -35.30
N HIS C 189 32.07 12.42 -34.70
CA HIS C 189 33.09 12.17 -33.68
C HIS C 189 33.57 10.74 -33.83
N LYS C 190 34.78 10.46 -33.33
CA LYS C 190 35.47 9.18 -33.51
C LYS C 190 35.56 8.34 -32.23
N VAL C 191 36.17 8.91 -31.18
CA VAL C 191 36.29 8.22 -29.90
C VAL C 191 35.11 8.54 -28.99
N TYR C 192 34.54 7.49 -28.40
CA TYR C 192 33.39 7.54 -27.45
C TYR C 192 33.79 6.79 -26.17
N ALA C 193 33.93 7.50 -25.06
CA ALA C 193 34.44 6.95 -23.83
C ALA C 193 33.54 7.23 -22.66
N CYS C 194 33.58 6.31 -21.70
CA CYS C 194 32.73 6.33 -20.52
C CYS C 194 33.59 6.28 -19.27
N GLU C 195 33.74 7.45 -18.63
CA GLU C 195 34.64 7.62 -17.47
C GLU C 195 33.88 7.56 -16.14
N VAL C 196 34.42 6.83 -15.17
CA VAL C 196 33.70 6.47 -13.96
C VAL C 196 34.50 6.75 -12.69
N THR C 197 33.82 7.27 -11.67
CA THR C 197 34.44 7.56 -10.39
C THR C 197 33.60 7.07 -9.22
N HIS C 198 34.02 5.92 -8.69
CA HIS C 198 33.48 5.37 -7.48
C HIS C 198 34.51 5.47 -6.32
N GLN C 199 33.98 5.48 -5.10
CA GLN C 199 34.75 5.41 -3.88
C GLN C 199 35.63 4.18 -3.83
N GLY C 200 35.21 3.11 -4.51
CA GLY C 200 35.95 1.86 -4.58
C GLY C 200 37.09 1.88 -5.58
N LEU C 201 37.30 3.02 -6.23
CA LEU C 201 38.34 3.15 -7.23
C LEU C 201 39.43 4.10 -6.77
N SER C 202 40.68 3.74 -7.05
CA SER C 202 41.82 4.54 -6.66
C SER C 202 41.94 5.72 -7.62
N SER C 203 41.89 5.42 -8.93
CA SER C 203 41.84 6.41 -10.00
C SER C 203 40.65 6.11 -10.89
N PRO C 204 40.12 7.11 -11.64
CA PRO C 204 38.92 6.91 -12.47
C PRO C 204 39.13 5.84 -13.55
N VAL C 205 38.04 5.41 -14.19
CA VAL C 205 38.06 4.26 -15.09
C VAL C 205 37.31 4.57 -16.36
N THR C 206 37.95 4.33 -17.51
CA THR C 206 37.34 4.58 -18.81
C THR C 206 37.24 3.31 -19.61
N LYS C 207 36.11 3.15 -20.30
CA LYS C 207 36.01 2.19 -21.38
C LYS C 207 35.52 2.96 -22.59
N SER C 208 36.32 2.89 -23.67
CA SER C 208 36.08 3.68 -24.86
C SER C 208 36.28 2.83 -26.08
N PHE C 209 35.69 3.28 -27.20
CA PHE C 209 35.83 2.65 -28.51
C PHE C 209 35.88 3.70 -29.61
N ASN C 210 36.08 3.24 -30.86
CA ASN C 210 36.05 4.07 -32.06
C ASN C 210 34.93 3.70 -32.98
N ARG C 211 34.32 4.70 -33.61
CA ARG C 211 33.06 4.57 -34.39
C ARG C 211 33.22 3.48 -35.47
#